data_4QOJ
#
_entry.id   4QOJ
#
_cell.length_a   56.960
_cell.length_b   83.910
_cell.length_c   106.190
_cell.angle_alpha   90.00
_cell.angle_beta   90.00
_cell.angle_gamma   90.00
#
_symmetry.space_group_name_H-M   'P 21 21 21'
#
loop_
_entity.id
_entity.type
_entity.pdbx_description
1 polymer 'Ribosyldihydronicotinamide dehydrogenase [quinone]'
2 non-polymer 'FLAVIN MONONUCLEOTIDE'
3 non-polymer RESVERATROL
4 non-polymer 'ZINC ION'
5 water water
#
_entity_poly.entity_id   1
_entity_poly.type   'polypeptide(L)'
_entity_poly.pdbx_seq_one_letter_code
;MAGKKVLIVYAHQEPKSFNGSLKNVAVDELSRQGCTVTVSDLYAMNFEPRATDKDITGTLSNPEVFNYGVETHEAYKQRS
LASDITDEQKKVREADLVIFQFPLYWFSVPAILKGWMDRVLCQGFAFDIPGFYDSGLLQGKLALLSVTTGGTAEMYTKTG
VNGDSRYFLWPLQHGTLHFCGFKVLAPQISFAPEIASEEERKGMVAAWSQRLQTIWKEEPIPCTAHWHFGQ
;
_entity_poly.pdbx_strand_id   A,B
#
loop_
_chem_comp.id
_chem_comp.type
_chem_comp.name
_chem_comp.formula
FMN non-polymer 'FLAVIN MONONUCLEOTIDE' 'C17 H21 N4 O9 P'
STL non-polymer RESVERATROL 'C14 H12 O3'
ZN non-polymer 'ZINC ION' 'Zn 2'
#
# COMPACT_ATOMS: atom_id res chain seq x y z
N GLY A 3 -16.66 23.74 -17.91
CA GLY A 3 -16.86 23.24 -16.55
C GLY A 3 -15.94 22.07 -16.22
N LYS A 4 -15.69 21.81 -14.95
CA LYS A 4 -14.82 20.69 -14.57
C LYS A 4 -15.47 19.79 -13.55
N LYS A 5 -15.17 18.49 -13.63
CA LYS A 5 -15.65 17.48 -12.67
C LYS A 5 -14.48 17.03 -11.82
N VAL A 6 -14.70 17.01 -10.51
CA VAL A 6 -13.67 16.59 -9.56
C VAL A 6 -14.18 15.43 -8.72
N LEU A 7 -13.37 14.39 -8.58
CA LEU A 7 -13.64 13.29 -7.67
C LEU A 7 -12.62 13.35 -6.52
N ILE A 8 -13.11 13.33 -5.27
CA ILE A 8 -12.25 13.30 -4.08
C ILE A 8 -12.39 11.89 -3.47
N VAL A 9 -11.33 11.09 -3.52
CA VAL A 9 -11.31 9.77 -2.91
C VAL A 9 -10.68 9.98 -1.52
N TYR A 10 -11.52 9.87 -0.50
CA TYR A 10 -11.22 10.24 0.89
C TYR A 10 -11.15 9.04 1.81
N ALA A 11 -10.05 8.96 2.59
CA ALA A 11 -9.80 7.83 3.48
C ALA A 11 -9.45 8.24 4.92
N HIS A 12 -10.46 8.66 5.68
CA HIS A 12 -10.29 8.99 7.09
C HIS A 12 -11.57 8.63 7.82
N GLN A 13 -11.42 8.02 9.00
CA GLN A 13 -12.53 7.53 9.82
C GLN A 13 -13.30 8.65 10.52
N GLU A 14 -12.61 9.79 10.78
CA GLU A 14 -13.14 10.86 11.61
C GLU A 14 -13.39 12.18 10.84
N PRO A 15 -14.67 12.60 10.70
CA PRO A 15 -14.95 13.85 9.98
C PRO A 15 -14.36 15.10 10.64
N LYS A 16 -14.13 15.06 11.97
CA LYS A 16 -13.54 16.20 12.72
C LYS A 16 -12.00 16.27 12.60
N SER A 17 -11.38 15.32 11.87
CA SER A 17 -9.93 15.30 11.74
C SER A 17 -9.41 16.40 10.81
N PHE A 18 -8.07 16.57 10.81
CA PHE A 18 -7.37 17.48 9.92
C PHE A 18 -7.62 17.01 8.49
N ASN A 19 -7.62 15.67 8.23
CA ASN A 19 -7.94 15.16 6.89
C ASN A 19 -9.36 15.58 6.50
N GLY A 20 -10.29 15.49 7.44
CA GLY A 20 -11.69 15.91 7.25
C GLY A 20 -11.78 17.38 6.86
N SER A 21 -10.96 18.24 7.51
CA SER A 21 -10.89 19.69 7.23
C SER A 21 -10.34 19.94 5.82
N LEU A 22 -9.31 19.18 5.40
CA LEU A 22 -8.72 19.32 4.06
C LEU A 22 -9.71 18.88 2.98
N LYS A 23 -10.47 17.81 3.23
CA LYS A 23 -11.49 17.33 2.29
C LYS A 23 -12.59 18.40 2.17
N ASN A 24 -13.09 18.92 3.32
CA ASN A 24 -14.13 19.94 3.38
C ASN A 24 -13.71 21.23 2.66
N VAL A 25 -12.43 21.67 2.81
CA VAL A 25 -12.02 22.89 2.13
C VAL A 25 -11.88 22.64 0.62
N ALA A 26 -11.51 21.40 0.21
CA ALA A 26 -11.43 21.03 -1.21
C ALA A 26 -12.85 21.07 -1.82
N VAL A 27 -13.85 20.47 -1.13
CA VAL A 27 -15.25 20.51 -1.59
C VAL A 27 -15.70 21.99 -1.68
N ASP A 28 -15.48 22.76 -0.60
CA ASP A 28 -15.87 24.18 -0.51
C ASP A 28 -15.29 25.05 -1.66
N GLU A 29 -13.96 25.00 -1.83
CA GLU A 29 -13.26 25.78 -2.84
C GLU A 29 -13.63 25.38 -4.27
N LEU A 30 -13.64 24.07 -4.56
CA LEU A 30 -13.98 23.61 -5.90
C LEU A 30 -15.47 23.86 -6.22
N SER A 31 -16.36 23.70 -5.23
CA SER A 31 -17.79 23.99 -5.42
C SER A 31 -17.99 25.51 -5.65
N ARG A 32 -17.24 26.38 -4.91
CA ARG A 32 -17.28 27.84 -5.08
C ARG A 32 -16.87 28.22 -6.53
N GLN A 33 -15.87 27.52 -7.10
CA GLN A 33 -15.39 27.74 -8.47
C GLN A 33 -16.45 27.34 -9.52
N GLY A 34 -17.49 26.64 -9.09
CA GLY A 34 -18.51 26.14 -10.00
C GLY A 34 -18.22 24.74 -10.51
N CYS A 35 -17.19 24.05 -9.94
CA CYS A 35 -16.87 22.66 -10.31
C CYS A 35 -17.94 21.73 -9.87
N THR A 36 -18.07 20.61 -10.59
CA THR A 36 -18.96 19.51 -10.21
C THR A 36 -18.11 18.64 -9.25
N VAL A 37 -18.58 18.38 -8.01
CA VAL A 37 -17.76 17.68 -7.04
C VAL A 37 -18.44 16.40 -6.50
N THR A 38 -17.67 15.29 -6.44
CA THR A 38 -18.10 14.01 -5.88
C THR A 38 -17.06 13.57 -4.86
N VAL A 39 -17.54 13.01 -3.73
CA VAL A 39 -16.64 12.50 -2.69
C VAL A 39 -16.94 11.01 -2.48
N SER A 40 -15.91 10.15 -2.59
CA SER A 40 -16.04 8.72 -2.26
C SER A 40 -15.42 8.64 -0.85
N ASP A 41 -16.27 8.67 0.18
CA ASP A 41 -15.82 8.62 1.58
C ASP A 41 -15.73 7.11 1.91
N LEU A 42 -14.55 6.53 1.68
CA LEU A 42 -14.36 5.08 1.75
C LEU A 42 -14.79 4.45 3.07
N TYR A 43 -14.42 5.02 4.23
CA TYR A 43 -14.86 4.39 5.51
C TYR A 43 -16.37 4.49 5.70
N ALA A 44 -16.98 5.61 5.27
CA ALA A 44 -18.45 5.78 5.41
C ALA A 44 -19.18 4.80 4.48
N MET A 45 -18.57 4.48 3.33
CA MET A 45 -19.14 3.51 2.37
C MET A 45 -18.85 2.05 2.80
N ASN A 46 -18.00 1.87 3.85
CA ASN A 46 -17.45 0.57 4.29
C ASN A 46 -16.86 -0.15 3.05
N PHE A 47 -16.14 0.64 2.21
CA PHE A 47 -15.55 0.18 0.96
C PHE A 47 -14.78 -1.14 1.12
N GLU A 48 -15.09 -2.13 0.26
CA GLU A 48 -14.43 -3.45 0.31
C GLU A 48 -12.98 -3.33 -0.22
N PRO A 49 -11.92 -3.57 0.60
CA PRO A 49 -10.56 -3.44 0.08
C PRO A 49 -10.00 -4.72 -0.56
N ARG A 50 -10.55 -5.89 -0.23
CA ARG A 50 -10.00 -7.16 -0.70
C ARG A 50 -10.31 -7.49 -2.16
N ALA A 51 -9.27 -7.89 -2.89
CA ALA A 51 -9.37 -8.34 -4.27
C ALA A 51 -9.74 -9.83 -4.22
N THR A 52 -11.01 -10.15 -4.43
CA THR A 52 -11.46 -11.56 -4.38
C THR A 52 -12.30 -11.92 -5.59
N ASP A 53 -12.69 -13.23 -5.69
CA ASP A 53 -13.58 -13.74 -6.74
C ASP A 53 -15.01 -13.17 -6.64
N LYS A 54 -15.36 -12.53 -5.50
CA LYS A 54 -16.66 -11.87 -5.33
C LYS A 54 -16.72 -10.57 -6.19
N ASP A 55 -15.57 -10.17 -6.77
CA ASP A 55 -15.50 -8.98 -7.63
C ASP A 55 -16.02 -9.25 -9.04
N ILE A 56 -16.26 -10.54 -9.34
CA ILE A 56 -16.81 -11.00 -10.62
C ILE A 56 -18.16 -11.63 -10.35
N THR A 57 -19.21 -11.14 -11.01
CA THR A 57 -20.56 -11.66 -10.81
C THR A 57 -20.91 -12.78 -11.80
N GLY A 58 -20.23 -12.87 -12.94
CA GLY A 58 -20.59 -13.91 -13.91
C GLY A 58 -19.81 -15.21 -13.83
N THR A 59 -19.81 -15.98 -14.93
CA THR A 59 -19.07 -17.24 -15.03
C THR A 59 -17.59 -16.87 -15.06
N LEU A 60 -16.76 -17.55 -14.25
CA LEU A 60 -15.32 -17.25 -14.30
C LEU A 60 -14.74 -17.84 -15.57
N SER A 61 -13.70 -17.18 -16.10
CA SER A 61 -12.99 -17.58 -17.31
C SER A 61 -12.26 -18.91 -17.05
N ASN A 62 -11.64 -19.06 -15.85
CA ASN A 62 -10.96 -20.28 -15.43
C ASN A 62 -11.29 -20.51 -13.95
N PRO A 63 -12.36 -21.26 -13.62
CA PRO A 63 -12.67 -21.49 -12.20
C PRO A 63 -11.75 -22.53 -11.52
N GLU A 64 -10.87 -23.22 -12.28
CA GLU A 64 -9.92 -24.22 -11.72
C GLU A 64 -8.74 -23.48 -11.06
N VAL A 65 -8.22 -22.42 -11.73
CA VAL A 65 -7.10 -21.61 -11.24
C VAL A 65 -7.53 -20.13 -11.29
N PHE A 66 -7.82 -19.54 -10.13
CA PHE A 66 -8.30 -18.17 -10.06
C PHE A 66 -7.16 -17.15 -10.20
N ASN A 67 -7.25 -16.31 -11.24
CA ASN A 67 -6.25 -15.28 -11.51
C ASN A 67 -7.01 -13.94 -11.45
N TYR A 68 -6.82 -13.17 -10.38
CA TYR A 68 -7.57 -11.92 -10.16
C TYR A 68 -7.49 -10.95 -11.36
N GLY A 69 -6.27 -10.67 -11.85
CA GLY A 69 -6.06 -9.77 -12.99
C GLY A 69 -6.82 -10.22 -14.24
N VAL A 70 -6.63 -11.49 -14.64
CA VAL A 70 -7.32 -12.04 -15.83
C VAL A 70 -8.85 -11.96 -15.67
N GLU A 71 -9.37 -12.42 -14.52
CA GLU A 71 -10.81 -12.48 -14.27
C GLU A 71 -11.46 -11.11 -14.25
N THR A 72 -10.80 -10.10 -13.63
CA THR A 72 -11.35 -8.75 -13.58
C THR A 72 -11.28 -8.07 -14.95
N HIS A 73 -10.22 -8.36 -15.73
CA HIS A 73 -10.10 -7.82 -17.08
C HIS A 73 -11.26 -8.35 -17.94
N GLU A 74 -11.50 -9.68 -17.89
N GLU A 74 -11.48 -9.68 -17.89
CA GLU A 74 -12.59 -10.32 -18.62
CA GLU A 74 -12.55 -10.38 -18.60
C GLU A 74 -13.96 -9.82 -18.15
C GLU A 74 -13.96 -9.89 -18.14
N ALA A 75 -14.15 -9.70 -16.81
CA ALA A 75 -15.40 -9.21 -16.23
C ALA A 75 -15.65 -7.75 -16.64
N TYR A 76 -14.60 -6.94 -16.79
CA TYR A 76 -14.77 -5.55 -17.24
C TYR A 76 -15.35 -5.53 -18.66
N LYS A 77 -14.75 -6.32 -19.58
CA LYS A 77 -15.18 -6.40 -20.98
C LYS A 77 -16.59 -6.98 -21.12
N GLN A 78 -16.95 -7.94 -20.23
CA GLN A 78 -18.27 -8.60 -20.23
C GLN A 78 -19.36 -7.81 -19.46
N ARG A 79 -18.95 -6.79 -18.67
CA ARG A 79 -19.82 -6.01 -17.78
C ARG A 79 -20.34 -6.92 -16.66
N SER A 80 -19.44 -7.71 -16.07
CA SER A 80 -19.82 -8.59 -14.99
C SER A 80 -18.98 -8.32 -13.73
N LEU A 81 -18.46 -7.08 -13.58
CA LEU A 81 -17.76 -6.68 -12.36
C LEU A 81 -18.79 -6.34 -11.28
N ALA A 82 -18.39 -6.45 -9.99
CA ALA A 82 -19.26 -6.09 -8.87
C ALA A 82 -19.62 -4.59 -9.00
N SER A 83 -20.85 -4.24 -8.59
CA SER A 83 -21.37 -2.87 -8.73
C SER A 83 -20.58 -1.82 -7.98
N ASP A 84 -19.98 -2.15 -6.80
CA ASP A 84 -19.20 -1.19 -6.03
C ASP A 84 -17.96 -0.73 -6.87
N ILE A 85 -17.37 -1.64 -7.64
CA ILE A 85 -16.24 -1.33 -8.53
C ILE A 85 -16.74 -0.43 -9.68
N THR A 86 -17.81 -0.84 -10.38
CA THR A 86 -18.39 -0.09 -11.51
C THR A 86 -18.81 1.33 -11.12
N ASP A 87 -19.39 1.50 -9.92
CA ASP A 87 -19.79 2.82 -9.40
C ASP A 87 -18.59 3.74 -9.30
N GLU A 88 -17.45 3.21 -8.78
CA GLU A 88 -16.22 3.99 -8.67
C GLU A 88 -15.64 4.31 -10.05
N GLN A 89 -15.69 3.34 -10.97
CA GLN A 89 -15.19 3.54 -12.33
C GLN A 89 -15.99 4.63 -13.06
N LYS A 90 -17.32 4.70 -12.82
CA LYS A 90 -18.12 5.78 -13.44
C LYS A 90 -17.67 7.14 -12.93
N LYS A 91 -17.40 7.28 -11.60
CA LYS A 91 -16.94 8.53 -10.99
C LYS A 91 -15.57 8.94 -11.58
N VAL A 92 -14.68 7.96 -11.74
CA VAL A 92 -13.36 8.19 -12.32
C VAL A 92 -13.44 8.59 -13.80
N ARG A 93 -14.22 7.84 -14.59
CA ARG A 93 -14.40 8.07 -16.03
C ARG A 93 -14.86 9.51 -16.31
N GLU A 94 -15.77 10.02 -15.48
CA GLU A 94 -16.32 11.37 -15.66
C GLU A 94 -15.45 12.49 -15.09
N ALA A 95 -14.55 12.17 -14.15
CA ALA A 95 -13.69 13.17 -13.51
C ALA A 95 -12.62 13.75 -14.42
N ASP A 96 -12.34 15.03 -14.25
CA ASP A 96 -11.23 15.71 -14.95
C ASP A 96 -10.05 15.65 -13.99
N LEU A 97 -10.35 15.63 -12.68
CA LEU A 97 -9.33 15.63 -11.61
C LEU A 97 -9.75 14.67 -10.51
N VAL A 98 -8.81 13.85 -10.07
CA VAL A 98 -9.03 12.91 -8.97
C VAL A 98 -8.07 13.33 -7.86
N ILE A 99 -8.62 13.75 -6.72
CA ILE A 99 -7.85 14.11 -5.55
C ILE A 99 -7.95 12.93 -4.57
N PHE A 100 -6.81 12.49 -4.04
CA PHE A 100 -6.79 11.43 -3.01
C PHE A 100 -6.45 12.14 -1.70
N GLN A 101 -7.33 12.06 -0.72
CA GLN A 101 -7.11 12.74 0.55
C GLN A 101 -6.96 11.65 1.62
N PHE A 102 -5.77 11.56 2.21
CA PHE A 102 -5.51 10.50 3.18
C PHE A 102 -4.36 10.78 4.13
N PRO A 103 -4.41 10.17 5.33
CA PRO A 103 -3.23 10.20 6.20
C PRO A 103 -2.27 9.12 5.68
N LEU A 104 -0.98 9.40 5.79
CA LEU A 104 0.06 8.46 5.42
C LEU A 104 0.05 7.30 6.41
N TYR A 105 -0.09 6.07 5.88
CA TYR A 105 -0.04 4.86 6.70
C TYR A 105 1.10 4.01 6.14
N TRP A 106 2.14 3.80 6.92
CA TRP A 106 3.27 2.97 6.52
C TRP A 106 3.86 3.40 5.16
N PHE A 107 4.08 4.72 5.01
CA PHE A 107 4.69 5.37 3.84
C PHE A 107 3.84 5.12 2.60
N SER A 108 2.52 4.88 2.81
CA SER A 108 1.62 4.56 1.72
C SER A 108 0.18 4.99 2.07
N VAL A 109 -0.79 4.52 1.30
CA VAL A 109 -2.18 4.83 1.55
C VAL A 109 -2.73 3.84 2.60
N PRO A 110 -3.75 4.26 3.38
CA PRO A 110 -4.45 3.30 4.26
C PRO A 110 -4.99 2.15 3.42
N ALA A 111 -5.04 0.94 3.98
CA ALA A 111 -5.48 -0.25 3.22
C ALA A 111 -6.81 -0.09 2.50
N ILE A 112 -7.76 0.67 3.09
CA ILE A 112 -9.08 0.83 2.47
C ILE A 112 -8.93 1.54 1.09
N LEU A 113 -8.03 2.53 1.03
CA LEU A 113 -7.71 3.28 -0.19
C LEU A 113 -6.82 2.43 -1.09
N LYS A 114 -5.89 1.64 -0.52
CA LYS A 114 -5.12 0.71 -1.34
C LYS A 114 -6.09 -0.26 -2.04
N GLY A 115 -7.17 -0.65 -1.35
CA GLY A 115 -8.19 -1.55 -1.89
C GLY A 115 -8.92 -0.95 -3.07
N TRP A 116 -9.26 0.33 -2.96
CA TRP A 116 -9.90 1.10 -4.03
C TRP A 116 -8.96 1.06 -5.28
N MET A 117 -7.64 1.31 -5.08
N MET A 117 -7.64 1.31 -5.09
CA MET A 117 -6.66 1.29 -6.16
CA MET A 117 -6.68 1.27 -6.20
C MET A 117 -6.66 -0.11 -6.81
C MET A 117 -6.62 -0.12 -6.83
N ASP A 118 -6.49 -1.16 -5.98
CA ASP A 118 -6.39 -2.56 -6.44
C ASP A 118 -7.58 -3.03 -7.25
N ARG A 119 -8.79 -2.68 -6.81
CA ARG A 119 -10.05 -3.15 -7.40
C ARG A 119 -10.64 -2.24 -8.48
N VAL A 120 -10.51 -0.91 -8.34
CA VAL A 120 -11.13 0.01 -9.30
C VAL A 120 -10.32 0.11 -10.60
N LEU A 121 -8.99 0.19 -10.47
CA LEU A 121 -8.10 0.42 -11.62
C LEU A 121 -7.70 -0.87 -12.33
N CYS A 122 -8.70 -1.58 -12.89
CA CYS A 122 -8.48 -2.87 -13.55
C CYS A 122 -8.10 -2.71 -15.02
N GLN A 123 -7.54 -3.77 -15.60
CA GLN A 123 -7.19 -3.78 -17.02
C GLN A 123 -8.49 -3.65 -17.85
N GLY A 124 -8.39 -2.88 -18.90
CA GLY A 124 -9.51 -2.52 -19.72
C GLY A 124 -10.15 -1.21 -19.33
N PHE A 125 -10.08 -0.89 -18.06
CA PHE A 125 -10.56 0.39 -17.57
C PHE A 125 -9.48 1.44 -17.45
N ALA A 126 -8.55 1.21 -16.56
CA ALA A 126 -7.45 2.16 -16.28
C ALA A 126 -6.25 2.08 -17.26
N PHE A 127 -5.99 0.91 -17.79
CA PHE A 127 -4.89 0.64 -18.64
C PHE A 127 -5.20 -0.60 -19.51
N ASP A 128 -4.41 -0.81 -20.52
CA ASP A 128 -4.43 -2.04 -21.25
C ASP A 128 -3.01 -2.40 -21.65
N ILE A 129 -2.85 -3.58 -22.24
CA ILE A 129 -1.51 -4.06 -22.62
C ILE A 129 -1.52 -4.24 -24.15
N PRO A 130 -1.04 -3.27 -24.98
CA PRO A 130 -0.40 -1.98 -24.64
C PRO A 130 -1.44 -0.94 -24.25
N GLY A 131 -1.01 0.17 -23.70
CA GLY A 131 -1.94 1.20 -23.24
C GLY A 131 -1.72 1.51 -21.78
N PHE A 132 -0.48 1.83 -21.42
CA PHE A 132 -0.08 2.12 -20.05
C PHE A 132 0.99 3.23 -20.03
N TYR A 133 1.33 3.71 -18.85
CA TYR A 133 2.18 4.88 -18.67
C TYR A 133 1.66 6.03 -19.54
N ASP A 134 2.44 6.62 -20.46
CA ASP A 134 1.93 7.76 -21.24
C ASP A 134 0.75 7.42 -22.13
N SER A 135 0.52 6.12 -22.41
N SER A 135 0.51 6.13 -22.42
CA SER A 135 -0.60 5.65 -23.23
CA SER A 135 -0.61 5.67 -23.24
C SER A 135 -1.73 5.01 -22.38
C SER A 135 -1.73 5.02 -22.39
N GLY A 136 -1.67 5.22 -21.06
CA GLY A 136 -2.68 4.71 -20.12
C GLY A 136 -4.07 5.20 -20.46
N LEU A 137 -5.10 4.38 -20.16
CA LEU A 137 -6.47 4.72 -20.56
C LEU A 137 -7.07 5.94 -19.85
N LEU A 138 -6.46 6.39 -18.74
CA LEU A 138 -6.93 7.56 -18.01
C LEU A 138 -6.15 8.83 -18.43
N GLN A 139 -5.47 8.78 -19.60
CA GLN A 139 -4.74 9.93 -20.16
C GLN A 139 -5.61 11.17 -20.27
N GLY A 140 -5.04 12.32 -19.95
CA GLY A 140 -5.78 13.58 -19.98
C GLY A 140 -6.34 13.96 -18.61
N LYS A 141 -6.56 12.95 -17.74
CA LYS A 141 -7.09 13.19 -16.40
C LYS A 141 -5.98 13.63 -15.48
N LEU A 142 -6.29 14.49 -14.53
CA LEU A 142 -5.29 14.93 -13.54
C LEU A 142 -5.49 14.14 -12.26
N ALA A 143 -4.41 13.92 -11.52
CA ALA A 143 -4.47 13.25 -10.22
C ALA A 143 -3.57 14.02 -9.27
N LEU A 144 -3.99 14.07 -8.00
CA LEU A 144 -3.26 14.79 -6.97
C LEU A 144 -3.37 14.06 -5.66
N LEU A 145 -2.22 13.81 -5.02
CA LEU A 145 -2.18 13.21 -3.70
C LEU A 145 -2.10 14.28 -2.62
N SER A 146 -3.10 14.33 -1.75
CA SER A 146 -3.10 15.25 -0.63
C SER A 146 -2.94 14.34 0.60
N VAL A 147 -1.72 14.34 1.14
CA VAL A 147 -1.25 13.49 2.22
C VAL A 147 -0.98 14.29 3.48
N THR A 148 -1.27 13.67 4.64
CA THR A 148 -0.92 14.20 5.96
C THR A 148 0.03 13.18 6.60
N THR A 149 0.99 13.64 7.40
CA THR A 149 1.94 12.70 8.02
C THR A 149 1.97 12.84 9.55
N GLY A 150 2.55 11.83 10.22
CA GLY A 150 2.87 11.92 11.63
C GLY A 150 4.22 12.59 11.76
N GLY A 151 5.15 12.23 10.87
CA GLY A 151 6.52 12.75 10.83
C GLY A 151 6.62 14.19 10.39
N THR A 152 7.60 14.92 10.94
CA THR A 152 7.77 16.34 10.61
C THR A 152 8.46 16.50 9.24
N ALA A 153 8.42 17.72 8.66
CA ALA A 153 9.09 18.01 7.39
C ALA A 153 10.60 17.67 7.49
N GLU A 154 11.22 17.99 8.66
CA GLU A 154 12.65 17.73 8.92
C GLU A 154 12.99 16.24 8.87
N MET A 155 12.09 15.44 9.43
CA MET A 155 12.17 14.01 9.35
C MET A 155 12.17 13.50 7.91
N TYR A 156 11.37 14.14 7.08
CA TYR A 156 11.25 13.79 5.68
C TYR A 156 12.25 14.53 4.78
N THR A 157 13.52 14.45 5.14
CA THR A 157 14.59 15.01 4.29
C THR A 157 15.60 13.95 3.93
N LYS A 158 16.38 14.21 2.90
CA LYS A 158 17.40 13.26 2.42
C LYS A 158 18.25 12.69 3.58
N THR A 159 18.59 13.53 4.57
CA THR A 159 19.43 13.12 5.71
C THR A 159 18.62 12.85 6.98
N GLY A 160 17.30 13.07 6.92
CA GLY A 160 16.40 12.79 8.03
C GLY A 160 16.10 11.31 8.14
N VAL A 161 15.58 10.86 9.30
CA VAL A 161 15.28 9.45 9.56
C VAL A 161 14.32 8.81 8.53
N ASN A 162 13.37 9.59 8.00
CA ASN A 162 12.38 9.03 7.06
C ASN A 162 12.76 9.13 5.58
N GLY A 163 13.79 9.91 5.28
CA GLY A 163 14.21 10.15 3.91
C GLY A 163 13.33 11.20 3.27
N ASP A 164 13.67 11.66 2.08
CA ASP A 164 12.86 12.68 1.42
C ASP A 164 11.44 12.19 1.15
N SER A 165 10.44 13.05 1.36
CA SER A 165 9.03 12.71 1.16
C SER A 165 8.74 12.17 -0.22
N ARG A 166 9.49 12.67 -1.26
CA ARG A 166 9.31 12.18 -2.64
C ARG A 166 9.62 10.68 -2.78
N TYR A 167 10.52 10.15 -1.91
CA TYR A 167 10.87 8.73 -1.97
C TYR A 167 9.64 7.83 -1.81
N PHE A 168 8.73 8.17 -0.88
CA PHE A 168 7.54 7.31 -0.64
C PHE A 168 6.43 7.53 -1.69
N LEU A 169 6.52 8.60 -2.49
CA LEU A 169 5.49 8.89 -3.49
C LEU A 169 5.57 8.00 -4.72
N TRP A 170 6.74 7.39 -4.97
CA TRP A 170 7.02 6.59 -6.16
C TRP A 170 5.98 5.49 -6.45
N PRO A 171 5.59 4.58 -5.51
CA PRO A 171 4.60 3.55 -5.86
C PRO A 171 3.23 4.13 -6.26
N LEU A 172 2.83 5.23 -5.59
CA LEU A 172 1.53 5.89 -5.83
C LEU A 172 1.57 6.73 -7.12
N GLN A 173 2.52 7.67 -7.21
CA GLN A 173 2.61 8.54 -8.37
C GLN A 173 3.00 7.81 -9.66
N HIS A 174 4.09 7.00 -9.65
CA HIS A 174 4.58 6.35 -10.87
C HIS A 174 3.93 5.00 -11.12
N GLY A 175 4.03 4.09 -10.16
CA GLY A 175 3.54 2.74 -10.33
C GLY A 175 2.03 2.65 -10.53
N THR A 176 1.31 3.61 -9.99
CA THR A 176 -0.14 3.61 -10.05
C THR A 176 -0.69 4.68 -11.00
N LEU A 177 -0.59 5.93 -10.61
CA LEU A 177 -1.19 7.00 -11.34
C LEU A 177 -0.63 7.22 -12.76
N HIS A 178 0.69 7.36 -12.87
CA HIS A 178 1.37 7.46 -14.16
C HIS A 178 1.08 6.24 -15.01
N PHE A 179 1.15 5.07 -14.41
CA PHE A 179 0.87 3.81 -15.14
C PHE A 179 -0.51 3.84 -15.81
N CYS A 180 -1.51 4.41 -15.14
CA CYS A 180 -2.88 4.52 -15.67
C CYS A 180 -3.07 5.71 -16.66
N GLY A 181 -2.01 6.46 -16.91
CA GLY A 181 -2.01 7.60 -17.82
C GLY A 181 -2.38 8.95 -17.22
N PHE A 182 -2.60 9.02 -15.89
CA PHE A 182 -2.88 10.32 -15.25
C PHE A 182 -1.70 11.27 -15.38
N LYS A 183 -2.04 12.56 -15.48
CA LYS A 183 -1.07 13.64 -15.41
C LYS A 183 -1.03 13.88 -13.89
N VAL A 184 0.12 13.66 -13.29
CA VAL A 184 0.26 13.76 -11.85
C VAL A 184 0.60 15.20 -11.46
N LEU A 185 -0.30 15.86 -10.70
CA LEU A 185 0.01 17.18 -10.16
C LEU A 185 0.90 17.03 -8.93
N ALA A 186 1.66 18.08 -8.59
CA ALA A 186 2.56 18.08 -7.43
C ALA A 186 1.77 17.68 -6.18
N PRO A 187 2.33 16.81 -5.34
CA PRO A 187 1.58 16.38 -4.15
C PRO A 187 1.37 17.53 -3.16
N GLN A 188 0.28 17.46 -2.39
CA GLN A 188 0.09 18.40 -1.31
C GLN A 188 0.48 17.60 -0.04
N ILE A 189 1.60 17.96 0.62
CA ILE A 189 1.97 17.24 1.84
C ILE A 189 1.82 18.16 3.04
N SER A 190 0.95 17.79 3.98
CA SER A 190 0.72 18.57 5.21
C SER A 190 1.43 17.81 6.33
N PHE A 191 2.62 18.29 6.71
CA PHE A 191 3.42 17.60 7.71
C PHE A 191 2.97 17.79 9.16
N ALA A 192 2.94 16.67 9.89
CA ALA A 192 2.69 16.58 11.35
C ALA A 192 1.60 17.53 11.89
N PRO A 193 0.35 17.52 11.35
CA PRO A 193 -0.69 18.41 11.87
C PRO A 193 -1.04 18.19 13.34
N GLU A 194 -0.95 16.93 13.83
CA GLU A 194 -1.30 16.58 15.22
C GLU A 194 -0.46 17.29 16.27
N ILE A 195 0.81 17.54 15.99
CA ILE A 195 1.73 18.21 16.92
C ILE A 195 1.97 19.70 16.53
N ALA A 196 1.44 20.12 15.37
CA ALA A 196 1.57 21.52 14.94
C ALA A 196 0.71 22.43 15.84
N SER A 197 0.99 23.74 15.86
CA SER A 197 0.17 24.69 16.63
C SER A 197 -1.14 24.95 15.88
N GLU A 198 -2.11 25.60 16.54
CA GLU A 198 -3.40 25.97 15.94
C GLU A 198 -3.17 26.83 14.70
N GLU A 199 -2.26 27.82 14.82
CA GLU A 199 -1.88 28.75 13.76
C GLU A 199 -1.28 28.01 12.57
N GLU A 200 -0.40 27.02 12.84
CA GLU A 200 0.24 26.21 11.79
C GLU A 200 -0.80 25.34 11.07
N ARG A 201 -1.76 24.77 11.82
CA ARG A 201 -2.84 23.93 11.25
C ARG A 201 -3.70 24.77 10.33
N LYS A 202 -4.03 26.02 10.75
CA LYS A 202 -4.81 26.96 9.96
C LYS A 202 -4.05 27.35 8.69
N GLY A 203 -2.74 27.55 8.83
CA GLY A 203 -1.85 27.89 7.72
C GLY A 203 -1.80 26.79 6.66
N MET A 204 -1.75 25.53 7.10
CA MET A 204 -1.74 24.35 6.22
C MET A 204 -3.06 24.21 5.45
N VAL A 205 -4.21 24.45 6.12
CA VAL A 205 -5.53 24.40 5.49
C VAL A 205 -5.66 25.57 4.46
N ALA A 206 -5.21 26.78 4.87
CA ALA A 206 -5.23 27.97 4.01
C ALA A 206 -4.33 27.77 2.77
N ALA A 207 -3.14 27.16 2.93
CA ALA A 207 -2.22 26.83 1.83
C ALA A 207 -2.91 25.92 0.78
N TRP A 208 -3.67 24.91 1.25
CA TRP A 208 -4.41 23.98 0.40
C TRP A 208 -5.56 24.69 -0.34
N SER A 209 -6.38 25.46 0.39
CA SER A 209 -7.49 26.24 -0.19
C SER A 209 -6.94 27.18 -1.28
N GLN A 210 -5.84 27.89 -0.95
CA GLN A 210 -5.14 28.84 -1.82
C GLN A 210 -4.63 28.14 -3.07
N ARG A 211 -3.99 26.97 -2.92
CA ARG A 211 -3.50 26.19 -4.05
C ARG A 211 -4.66 25.75 -4.99
N LEU A 212 -5.77 25.26 -4.42
CA LEU A 212 -6.92 24.85 -5.21
C LEU A 212 -7.51 25.96 -6.08
N GLN A 213 -7.34 27.23 -5.67
CA GLN A 213 -7.85 28.38 -6.44
C GLN A 213 -7.24 28.44 -7.86
N THR A 214 -5.98 27.98 -8.02
CA THR A 214 -5.27 27.99 -9.30
C THR A 214 -4.88 26.59 -9.76
N ILE A 215 -5.57 25.54 -9.28
CA ILE A 215 -5.24 24.16 -9.62
C ILE A 215 -5.31 23.86 -11.12
N TRP A 216 -6.25 24.48 -11.82
CA TRP A 216 -6.45 24.29 -13.26
C TRP A 216 -5.38 24.98 -14.11
N LYS A 217 -4.49 25.78 -13.46
CA LYS A 217 -3.39 26.48 -14.14
C LYS A 217 -2.09 25.69 -14.06
N GLU A 218 -2.00 24.74 -13.12
CA GLU A 218 -0.80 23.93 -12.93
C GLU A 218 -0.50 22.97 -14.05
N GLU A 219 0.79 22.69 -14.20
CA GLU A 219 1.34 21.69 -15.10
C GLU A 219 1.61 20.47 -14.22
N PRO A 220 1.51 19.23 -14.74
CA PRO A 220 1.87 18.08 -13.90
C PRO A 220 3.38 18.02 -13.68
N ILE A 221 3.80 17.20 -12.73
CA ILE A 221 5.22 17.01 -12.47
C ILE A 221 5.80 16.09 -13.58
N PRO A 222 7.12 16.12 -13.83
CA PRO A 222 7.69 15.09 -14.71
C PRO A 222 7.79 13.84 -13.82
N CYS A 223 6.86 12.87 -13.97
CA CYS A 223 6.80 11.71 -13.07
C CYS A 223 7.87 10.67 -13.44
N THR A 224 9.13 10.97 -13.07
CA THR A 224 10.29 10.15 -13.43
C THR A 224 11.07 9.75 -12.19
N ALA A 225 12.00 8.81 -12.34
CA ALA A 225 12.90 8.40 -11.27
C ALA A 225 13.75 9.63 -10.79
N HIS A 226 14.19 10.49 -11.72
CA HIS A 226 15.01 11.66 -11.36
C HIS A 226 14.22 12.64 -10.46
N TRP A 227 12.93 12.90 -10.79
CA TRP A 227 12.12 13.79 -9.96
C TRP A 227 12.00 13.21 -8.54
N HIS A 228 11.76 11.91 -8.41
CA HIS A 228 11.55 11.28 -7.12
C HIS A 228 12.82 11.10 -6.30
N PHE A 229 13.93 10.71 -6.94
CA PHE A 229 15.15 10.30 -6.23
C PHE A 229 16.42 11.10 -6.51
N GLY A 230 16.42 11.97 -7.51
CA GLY A 230 17.61 12.76 -7.86
C GLY A 230 18.68 11.95 -8.57
N GLN A 231 18.27 10.80 -9.13
CA GLN A 231 19.14 9.88 -9.86
C GLN A 231 18.96 9.96 -11.37
N GLY B 3 16.48 -23.70 18.31
CA GLY B 3 15.32 -23.76 17.44
C GLY B 3 14.88 -22.40 16.93
N LYS B 4 14.16 -22.36 15.80
CA LYS B 4 13.67 -21.08 15.27
C LYS B 4 12.20 -21.13 14.94
N LYS B 5 11.52 -19.99 15.15
CA LYS B 5 10.08 -19.84 14.85
C LYS B 5 9.96 -18.94 13.63
N VAL B 6 9.16 -19.38 12.65
CA VAL B 6 8.93 -18.62 11.44
C VAL B 6 7.44 -18.35 11.26
N LEU B 7 7.10 -17.10 10.93
CA LEU B 7 5.75 -16.74 10.54
C LEU B 7 5.75 -16.36 9.06
N ILE B 8 4.85 -16.98 8.28
CA ILE B 8 4.68 -16.64 6.87
C ILE B 8 3.33 -15.90 6.74
N VAL B 9 3.38 -14.60 6.41
CA VAL B 9 2.17 -13.80 6.17
C VAL B 9 1.97 -13.85 4.65
N TYR B 10 0.91 -14.56 4.24
CA TYR B 10 0.63 -14.93 2.86
C TYR B 10 -0.61 -14.27 2.30
N ALA B 11 -0.45 -13.60 1.12
CA ALA B 11 -1.54 -12.85 0.49
C ALA B 11 -1.80 -13.22 -0.97
N HIS B 12 -2.42 -14.37 -1.20
CA HIS B 12 -2.82 -14.82 -2.53
C HIS B 12 -4.12 -15.61 -2.42
N GLN B 13 -5.06 -15.34 -3.35
CA GLN B 13 -6.39 -15.94 -3.36
C GLN B 13 -6.38 -17.39 -3.81
N GLU B 14 -5.37 -17.79 -4.60
CA GLU B 14 -5.33 -19.09 -5.28
C GLU B 14 -4.19 -20.01 -4.80
N PRO B 15 -4.50 -21.13 -4.11
CA PRO B 15 -3.43 -22.04 -3.64
C PRO B 15 -2.59 -22.65 -4.77
N LYS B 16 -3.14 -22.76 -6.00
CA LYS B 16 -2.45 -23.33 -7.16
C LYS B 16 -1.53 -22.32 -7.86
N SER B 17 -1.49 -21.05 -7.35
CA SER B 17 -0.69 -20.02 -8.00
C SER B 17 0.80 -20.20 -7.73
N PHE B 18 1.63 -19.41 -8.43
CA PHE B 18 3.07 -19.37 -8.23
C PHE B 18 3.34 -18.88 -6.81
N ASN B 19 2.56 -17.90 -6.30
CA ASN B 19 2.72 -17.45 -4.91
C ASN B 19 2.44 -18.62 -3.95
N GLY B 20 1.42 -19.41 -4.26
CA GLY B 20 1.06 -20.61 -3.50
C GLY B 20 2.20 -21.60 -3.44
N SER B 21 2.89 -21.79 -4.59
CA SER B 21 4.06 -22.70 -4.69
C SER B 21 5.21 -22.19 -3.85
N LEU B 22 5.45 -20.85 -3.84
CA LEU B 22 6.53 -20.24 -3.05
C LEU B 22 6.26 -20.37 -1.56
N LYS B 23 5.00 -20.19 -1.16
CA LYS B 23 4.61 -20.33 0.25
C LYS B 23 4.80 -21.80 0.68
N ASN B 24 4.30 -22.76 -0.14
CA ASN B 24 4.42 -24.19 0.11
C ASN B 24 5.88 -24.65 0.22
N VAL B 25 6.78 -24.15 -0.66
CA VAL B 25 8.19 -24.56 -0.56
C VAL B 25 8.85 -23.94 0.68
N ALA B 26 8.42 -22.73 1.10
CA ALA B 26 8.92 -22.10 2.33
C ALA B 26 8.50 -22.94 3.54
N VAL B 27 7.21 -23.38 3.60
CA VAL B 27 6.73 -24.23 4.70
C VAL B 27 7.53 -25.54 4.68
N ASP B 28 7.65 -26.18 3.49
CA ASP B 28 8.33 -27.47 3.32
C ASP B 28 9.79 -27.43 3.80
N GLU B 29 10.57 -26.47 3.28
CA GLU B 29 11.98 -26.32 3.60
C GLU B 29 12.23 -25.95 5.07
N LEU B 30 11.48 -24.97 5.60
CA LEU B 30 11.65 -24.58 7.00
C LEU B 30 11.18 -25.67 7.96
N SER B 31 10.09 -26.39 7.62
CA SER B 31 9.61 -27.51 8.45
C SER B 31 10.65 -28.66 8.41
N ARG B 32 11.26 -28.94 7.22
CA ARG B 32 12.32 -29.96 7.07
C ARG B 32 13.53 -29.63 7.97
N GLN B 33 13.87 -28.33 8.11
CA GLN B 33 14.97 -27.87 8.94
C GLN B 33 14.68 -28.05 10.44
N GLY B 34 13.44 -28.32 10.77
CA GLY B 34 13.01 -28.47 12.16
C GLY B 34 12.49 -27.17 12.74
N CYS B 35 12.31 -26.11 11.89
CA CYS B 35 11.73 -24.84 12.36
C CYS B 35 10.30 -24.99 12.75
N THR B 36 9.85 -24.13 13.67
CA THR B 36 8.45 -24.04 14.06
C THR B 36 7.83 -23.10 13.00
N VAL B 37 6.80 -23.55 12.25
CA VAL B 37 6.24 -22.72 11.18
C VAL B 37 4.73 -22.43 11.39
N THR B 38 4.35 -21.16 11.19
CA THR B 38 2.96 -20.70 11.23
C THR B 38 2.70 -19.91 9.94
N VAL B 39 1.50 -20.09 9.37
CA VAL B 39 1.11 -19.38 8.16
C VAL B 39 -0.17 -18.59 8.45
N SER B 40 -0.14 -17.27 8.17
CA SER B 40 -1.36 -16.45 8.26
C SER B 40 -1.79 -16.28 6.80
N ASP B 41 -2.74 -17.12 6.35
CA ASP B 41 -3.24 -17.11 4.98
C ASP B 41 -4.38 -16.08 4.99
N LEU B 42 -4.04 -14.80 4.72
CA LEU B 42 -4.96 -13.69 4.86
C LEU B 42 -6.28 -13.85 4.12
N TYR B 43 -6.26 -14.24 2.83
CA TYR B 43 -7.56 -14.39 2.13
C TYR B 43 -8.39 -15.53 2.70
N ALA B 44 -7.74 -16.63 3.12
CA ALA B 44 -8.48 -17.78 3.72
C ALA B 44 -9.09 -17.39 5.06
N MET B 45 -8.41 -16.47 5.79
CA MET B 45 -8.90 -15.98 7.10
C MET B 45 -9.95 -14.85 6.88
N ASN B 46 -10.14 -14.39 5.61
CA ASN B 46 -10.94 -13.21 5.23
C ASN B 46 -10.51 -12.01 6.15
N PHE B 47 -9.18 -11.90 6.33
CA PHE B 47 -8.56 -10.90 7.19
C PHE B 47 -9.12 -9.49 6.95
N GLU B 48 -9.53 -8.82 8.04
CA GLU B 48 -10.09 -7.47 7.97
C GLU B 48 -8.98 -6.43 7.64
N PRO B 49 -8.99 -5.74 6.48
CA PRO B 49 -7.92 -4.76 6.20
C PRO B 49 -8.19 -3.35 6.74
N ARG B 50 -9.45 -3.01 7.04
CA ARG B 50 -9.79 -1.63 7.43
C ARG B 50 -9.45 -1.28 8.86
N ALA B 51 -8.81 -0.13 9.05
CA ALA B 51 -8.45 0.41 10.36
C ALA B 51 -9.70 1.18 10.86
N THR B 52 -10.47 0.59 11.77
CA THR B 52 -11.71 1.23 12.25
C THR B 52 -11.80 1.15 13.75
N ASP B 53 -12.85 1.79 14.33
CA ASP B 53 -13.15 1.73 15.77
C ASP B 53 -13.55 0.33 16.26
N LYS B 54 -13.86 -0.58 15.34
CA LYS B 54 -14.16 -1.99 15.70
C LYS B 54 -12.87 -2.72 16.15
N ASP B 55 -11.70 -2.08 15.98
CA ASP B 55 -10.40 -2.65 16.38
C ASP B 55 -10.16 -2.51 17.88
N ILE B 56 -11.04 -1.76 18.55
CA ILE B 56 -11.00 -1.54 20.00
C ILE B 56 -12.28 -2.12 20.58
N THR B 57 -12.14 -3.01 21.56
CA THR B 57 -13.28 -3.63 22.24
C THR B 57 -13.61 -2.82 23.48
N GLY B 58 -14.89 -2.68 23.78
CA GLY B 58 -15.32 -1.89 24.92
C GLY B 58 -15.35 -0.41 24.59
N THR B 59 -15.10 0.44 25.61
CA THR B 59 -15.15 1.90 25.46
C THR B 59 -13.82 2.53 25.02
N LEU B 60 -13.94 3.61 24.24
CA LEU B 60 -12.83 4.38 23.67
C LEU B 60 -12.27 5.38 24.65
N SER B 61 -10.99 5.78 24.47
CA SER B 61 -10.29 6.78 25.27
C SER B 61 -10.97 8.13 25.08
N ASN B 62 -11.31 8.46 23.81
CA ASN B 62 -11.96 9.70 23.41
C ASN B 62 -13.08 9.43 22.38
N PRO B 63 -14.34 9.19 22.81
CA PRO B 63 -15.41 8.93 21.83
C PRO B 63 -15.84 10.15 20.98
N GLU B 64 -15.58 11.40 21.43
CA GLU B 64 -15.94 12.62 20.67
C GLU B 64 -15.15 12.78 19.34
N VAL B 65 -13.83 12.50 19.36
CA VAL B 65 -12.95 12.62 18.19
C VAL B 65 -12.15 11.31 18.10
N PHE B 66 -12.46 10.48 17.11
CA PHE B 66 -11.81 9.18 16.94
C PHE B 66 -10.44 9.31 16.28
N ASN B 67 -9.38 8.92 17.01
CA ASN B 67 -8.02 8.97 16.49
C ASN B 67 -7.52 7.51 16.51
N TYR B 68 -7.41 6.88 15.33
CA TYR B 68 -7.03 5.46 15.22
C TYR B 68 -5.74 5.11 15.97
N GLY B 69 -4.67 5.86 15.73
CA GLY B 69 -3.38 5.65 16.38
C GLY B 69 -3.45 5.71 17.89
N VAL B 70 -4.05 6.78 18.44
CA VAL B 70 -4.19 6.96 19.90
C VAL B 70 -5.02 5.81 20.51
N GLU B 71 -6.19 5.51 19.90
CA GLU B 71 -7.11 4.48 20.39
C GLU B 71 -6.49 3.08 20.38
N THR B 72 -5.75 2.74 19.33
CA THR B 72 -5.12 1.41 19.26
C THR B 72 -3.94 1.31 20.21
N HIS B 73 -3.21 2.41 20.39
CA HIS B 73 -2.08 2.45 21.33
C HIS B 73 -2.62 2.21 22.75
N GLU B 74 -3.70 2.91 23.13
CA GLU B 74 -4.35 2.79 24.43
C GLU B 74 -4.95 1.39 24.63
N ALA B 75 -5.63 0.86 23.57
CA ALA B 75 -6.22 -0.50 23.57
C ALA B 75 -5.13 -1.56 23.73
N TYR B 76 -3.94 -1.35 23.13
CA TYR B 76 -2.84 -2.31 23.28
C TYR B 76 -2.40 -2.38 24.76
N LYS B 77 -2.17 -1.21 25.39
CA LYS B 77 -1.75 -1.11 26.81
C LYS B 77 -2.81 -1.67 27.75
N GLN B 78 -4.08 -1.48 27.40
CA GLN B 78 -5.21 -1.95 28.20
C GLN B 78 -5.73 -3.35 27.82
N ARG B 79 -5.02 -4.09 26.92
CA ARG B 79 -5.38 -5.44 26.44
C ARG B 79 -6.85 -5.44 25.94
N SER B 80 -7.22 -4.41 25.13
CA SER B 80 -8.56 -4.18 24.61
C SER B 80 -8.63 -4.18 23.10
N LEU B 81 -7.62 -4.72 22.41
CA LEU B 81 -7.63 -4.77 20.94
C LEU B 81 -8.48 -5.94 20.47
N ALA B 82 -9.01 -5.86 19.23
CA ALA B 82 -9.81 -6.95 18.64
C ALA B 82 -8.97 -8.22 18.58
N SER B 83 -9.60 -9.40 18.76
CA SER B 83 -8.86 -10.67 18.84
C SER B 83 -8.09 -11.02 17.56
N ASP B 84 -8.58 -10.65 16.36
CA ASP B 84 -7.88 -10.91 15.11
C ASP B 84 -6.50 -10.19 15.09
N ILE B 85 -6.43 -8.98 15.65
CA ILE B 85 -5.18 -8.22 15.77
C ILE B 85 -4.26 -8.92 16.79
N THR B 86 -4.79 -9.22 18.00
CA THR B 86 -4.00 -9.85 19.07
C THR B 86 -3.43 -11.21 18.66
N ASP B 87 -4.22 -12.01 17.92
CA ASP B 87 -3.77 -13.32 17.40
C ASP B 87 -2.55 -13.14 16.51
N GLU B 88 -2.58 -12.12 15.61
CA GLU B 88 -1.44 -11.83 14.73
C GLU B 88 -0.24 -11.35 15.52
N GLN B 89 -0.48 -10.48 16.52
CA GLN B 89 0.60 -9.97 17.37
C GLN B 89 1.29 -11.09 18.14
N LYS B 90 0.52 -12.10 18.61
CA LYS B 90 1.14 -13.24 19.30
C LYS B 90 2.08 -14.01 18.34
N LYS B 91 1.63 -14.22 17.07
CA LYS B 91 2.44 -14.93 16.04
C LYS B 91 3.72 -14.16 15.76
N VAL B 92 3.60 -12.82 15.65
CA VAL B 92 4.75 -11.95 15.40
C VAL B 92 5.72 -11.93 16.60
N ARG B 93 5.20 -11.75 17.81
CA ARG B 93 5.99 -11.69 19.05
C ARG B 93 6.87 -12.93 19.20
N GLU B 94 6.33 -14.11 18.85
CA GLU B 94 7.06 -15.36 19.00
C GLU B 94 8.00 -15.68 17.84
N ALA B 95 7.78 -15.07 16.65
CA ALA B 95 8.58 -15.34 15.47
C ALA B 95 10.02 -14.77 15.57
N ASP B 96 10.97 -15.54 15.01
CA ASP B 96 12.35 -15.09 14.87
C ASP B 96 12.45 -14.47 13.48
N LEU B 97 11.62 -14.96 12.54
CA LEU B 97 11.60 -14.51 11.15
C LEU B 97 10.16 -14.39 10.66
N VAL B 98 9.87 -13.27 10.00
CA VAL B 98 8.56 -13.02 9.37
C VAL B 98 8.81 -12.92 7.88
N ILE B 99 8.23 -13.85 7.12
CA ILE B 99 8.30 -13.84 5.66
C ILE B 99 6.95 -13.33 5.16
N PHE B 100 6.98 -12.37 4.24
CA PHE B 100 5.76 -11.85 3.60
C PHE B 100 5.76 -12.39 2.20
N GLN B 101 4.74 -13.16 1.83
CA GLN B 101 4.68 -13.76 0.51
C GLN B 101 3.49 -13.16 -0.22
N PHE B 102 3.75 -12.40 -1.31
CA PHE B 102 2.69 -11.70 -2.01
C PHE B 102 3.02 -11.32 -3.44
N PRO B 103 1.97 -11.21 -4.29
CA PRO B 103 2.18 -10.63 -5.62
C PRO B 103 2.22 -9.09 -5.43
N LEU B 104 3.03 -8.43 -6.22
CA LEU B 104 3.12 -6.98 -6.22
C LEU B 104 1.82 -6.39 -6.80
N TYR B 105 1.17 -5.53 -6.04
CA TYR B 105 -0.05 -4.84 -6.47
C TYR B 105 0.25 -3.34 -6.39
N TRP B 106 0.27 -2.66 -7.54
CA TRP B 106 0.51 -1.23 -7.58
C TRP B 106 1.78 -0.82 -6.82
N PHE B 107 2.89 -1.54 -7.12
CA PHE B 107 4.25 -1.33 -6.57
C PHE B 107 4.24 -1.44 -5.05
N SER B 108 3.28 -2.21 -4.52
CA SER B 108 3.11 -2.35 -3.08
C SER B 108 2.47 -3.71 -2.75
N VAL B 109 2.03 -3.87 -1.50
CA VAL B 109 1.39 -5.11 -1.08
C VAL B 109 -0.10 -5.05 -1.47
N PRO B 110 -0.74 -6.21 -1.70
CA PRO B 110 -2.20 -6.22 -1.87
C PRO B 110 -2.86 -5.61 -0.63
N ALA B 111 -4.03 -4.93 -0.81
CA ALA B 111 -4.67 -4.22 0.31
C ALA B 111 -4.89 -5.08 1.56
N ILE B 112 -5.17 -6.39 1.39
CA ILE B 112 -5.43 -7.27 2.52
C ILE B 112 -4.18 -7.35 3.43
N LEU B 113 -2.98 -7.39 2.81
CA LEU B 113 -1.71 -7.43 3.50
C LEU B 113 -1.35 -6.03 4.01
N LYS B 114 -1.70 -4.98 3.23
CA LYS B 114 -1.50 -3.61 3.73
C LYS B 114 -2.33 -3.45 5.03
N GLY B 115 -3.52 -4.04 5.07
CA GLY B 115 -4.40 -4.00 6.24
C GLY B 115 -3.80 -4.69 7.45
N TRP B 116 -3.15 -5.83 7.24
CA TRP B 116 -2.43 -6.55 8.30
C TRP B 116 -1.35 -5.62 8.88
N MET B 117 -0.60 -4.95 8.02
CA MET B 117 0.45 -4.04 8.48
C MET B 117 -0.15 -2.87 9.28
N ASP B 118 -1.18 -2.22 8.72
CA ASP B 118 -1.85 -1.08 9.37
C ASP B 118 -2.38 -1.40 10.76
N ARG B 119 -3.02 -2.56 10.92
CA ARG B 119 -3.71 -2.96 12.14
C ARG B 119 -2.87 -3.75 13.14
N VAL B 120 -1.95 -4.61 12.66
CA VAL B 120 -1.16 -5.45 13.57
C VAL B 120 0.00 -4.67 14.22
N LEU B 121 0.69 -3.86 13.43
CA LEU B 121 1.88 -3.13 13.87
C LEU B 121 1.57 -1.79 14.57
N CYS B 122 0.83 -1.86 15.71
CA CYS B 122 0.42 -0.65 16.42
C CYS B 122 1.45 -0.16 17.42
N GLN B 123 1.31 1.10 17.87
CA GLN B 123 2.19 1.67 18.88
C GLN B 123 2.03 0.87 20.19
N GLY B 124 3.14 0.64 20.86
CA GLY B 124 3.19 -0.21 22.02
C GLY B 124 3.60 -1.62 21.65
N PHE B 125 3.13 -2.09 20.52
CA PHE B 125 3.52 -3.39 20.06
C PHE B 125 4.76 -3.39 19.20
N ALA B 126 4.74 -2.72 18.06
CA ALA B 126 5.79 -2.75 17.08
C ALA B 126 6.83 -1.63 17.27
N PHE B 127 6.40 -0.53 17.87
CA PHE B 127 7.26 0.64 18.10
C PHE B 127 6.70 1.51 19.20
N ASP B 128 7.52 2.50 19.61
CA ASP B 128 7.16 3.51 20.60
C ASP B 128 8.19 4.65 20.52
N ILE B 129 8.06 5.62 21.41
CA ILE B 129 9.00 6.70 21.63
C ILE B 129 9.61 6.25 22.95
N PRO B 130 10.89 5.77 22.99
CA PRO B 130 11.96 5.83 21.96
C PRO B 130 12.16 4.71 20.92
N GLY B 131 11.51 3.58 21.01
CA GLY B 131 11.83 2.47 20.11
C GLY B 131 11.30 2.50 18.68
N PHE B 132 12.09 3.02 17.76
CA PHE B 132 11.78 3.00 16.34
C PHE B 132 13.06 3.01 15.52
N TYR B 133 12.91 2.63 14.29
CA TYR B 133 14.00 2.27 13.41
C TYR B 133 14.95 1.31 14.17
N ASP B 134 16.25 1.59 14.25
CA ASP B 134 17.17 0.65 14.89
C ASP B 134 16.75 0.20 16.28
N SER B 135 16.07 1.05 17.03
CA SER B 135 15.59 0.74 18.38
C SER B 135 14.10 0.22 18.42
N GLY B 136 13.49 -0.03 17.26
CA GLY B 136 12.11 -0.55 17.17
C GLY B 136 11.86 -1.76 18.05
N LEU B 137 10.61 -1.89 18.56
CA LEU B 137 10.21 -2.94 19.52
C LEU B 137 10.32 -4.36 18.97
N LEU B 138 10.43 -4.50 17.64
CA LEU B 138 10.61 -5.79 17.01
C LEU B 138 12.09 -6.04 16.68
N GLN B 139 13.03 -5.30 17.34
CA GLN B 139 14.48 -5.48 17.13
C GLN B 139 14.90 -6.92 17.41
N GLY B 140 15.82 -7.40 16.61
CA GLY B 140 16.32 -8.77 16.72
C GLY B 140 15.58 -9.73 15.80
N LYS B 141 14.33 -9.38 15.42
CA LYS B 141 13.52 -10.19 14.50
C LYS B 141 13.95 -9.95 13.09
N LEU B 142 13.89 -10.97 12.26
CA LEU B 142 14.22 -10.84 10.85
C LEU B 142 12.92 -10.72 10.05
N ALA B 143 12.97 -10.00 8.95
CA ALA B 143 11.83 -9.85 8.03
C ALA B 143 12.36 -10.01 6.63
N LEU B 144 11.54 -10.61 5.75
CA LEU B 144 11.90 -10.86 4.37
C LEU B 144 10.67 -10.71 3.49
N LEU B 145 10.78 -9.89 2.45
CA LEU B 145 9.73 -9.75 1.46
C LEU B 145 9.98 -10.68 0.28
N SER B 146 9.06 -11.60 0.06
CA SER B 146 9.11 -12.49 -1.09
C SER B 146 7.97 -12.03 -2.00
N VAL B 147 8.35 -11.31 -3.06
CA VAL B 147 7.48 -10.65 -4.01
C VAL B 147 7.53 -11.32 -5.37
N THR B 148 6.37 -11.34 -6.05
CA THR B 148 6.25 -11.76 -7.45
C THR B 148 5.74 -10.55 -8.23
N THR B 149 6.17 -10.39 -9.48
CA THR B 149 5.71 -9.25 -10.27
C THR B 149 5.04 -9.67 -11.58
N GLY B 150 4.33 -8.73 -12.21
CA GLY B 150 3.82 -8.88 -13.56
C GLY B 150 4.94 -8.45 -14.52
N GLY B 151 5.61 -7.35 -14.17
CA GLY B 151 6.72 -6.77 -14.92
C GLY B 151 7.98 -7.62 -14.94
N THR B 152 8.72 -7.58 -16.06
CA THR B 152 9.97 -8.37 -16.19
C THR B 152 11.12 -7.70 -15.42
N ALA B 153 12.22 -8.44 -15.19
CA ALA B 153 13.41 -7.90 -14.52
C ALA B 153 13.93 -6.65 -15.29
N GLU B 154 13.90 -6.71 -16.64
CA GLU B 154 14.33 -5.61 -17.53
C GLU B 154 13.52 -4.33 -17.33
N MET B 155 12.22 -4.49 -17.10
CA MET B 155 11.36 -3.37 -16.79
C MET B 155 11.69 -2.72 -15.48
N TYR B 156 12.16 -3.53 -14.53
CA TYR B 156 12.54 -3.06 -13.22
C TYR B 156 14.03 -2.67 -13.12
N THR B 157 14.49 -1.91 -14.08
CA THR B 157 15.83 -1.34 -14.02
C THR B 157 15.79 0.17 -13.95
N LYS B 158 16.90 0.76 -13.56
CA LYS B 158 16.97 2.21 -13.44
C LYS B 158 16.53 2.93 -14.72
N THR B 159 16.80 2.34 -15.90
CA THR B 159 16.42 2.92 -17.19
C THR B 159 15.15 2.28 -17.79
N GLY B 160 14.62 1.25 -17.14
CA GLY B 160 13.40 0.57 -17.55
C GLY B 160 12.18 1.38 -17.17
N VAL B 161 11.02 1.07 -17.78
CA VAL B 161 9.76 1.78 -17.55
C VAL B 161 9.32 1.81 -16.08
N ASN B 162 9.61 0.74 -15.31
CA ASN B 162 9.18 0.67 -13.91
C ASN B 162 10.17 1.19 -12.89
N GLY B 163 11.40 1.41 -13.32
CA GLY B 163 12.47 1.84 -12.42
C GLY B 163 13.04 0.66 -11.67
N ASP B 164 14.14 0.89 -10.91
CA ASP B 164 14.77 -0.19 -10.13
C ASP B 164 13.77 -0.79 -9.13
N SER B 165 13.77 -2.13 -8.99
N SER B 165 13.77 -2.13 -8.98
CA SER B 165 12.89 -2.84 -8.05
CA SER B 165 12.88 -2.81 -8.04
C SER B 165 13.10 -2.34 -6.62
C SER B 165 13.09 -2.31 -6.62
N ARG B 166 14.33 -1.86 -6.30
CA ARG B 166 14.64 -1.31 -4.97
C ARG B 166 13.84 -0.03 -4.67
N TYR B 167 13.44 0.75 -5.71
CA TYR B 167 12.67 1.97 -5.54
C TYR B 167 11.33 1.66 -4.87
N PHE B 168 10.65 0.56 -5.28
CA PHE B 168 9.33 0.28 -4.68
C PHE B 168 9.44 -0.37 -3.31
N LEU B 169 10.61 -0.85 -2.92
CA LEU B 169 10.77 -1.54 -1.64
C LEU B 169 10.84 -0.59 -0.45
N TRP B 170 11.18 0.71 -0.71
CA TRP B 170 11.37 1.72 0.33
C TRP B 170 10.20 1.83 1.33
N PRO B 171 8.93 2.01 0.94
CA PRO B 171 7.86 2.08 1.96
C PRO B 171 7.73 0.83 2.83
N LEU B 172 7.93 -0.36 2.24
CA LEU B 172 7.81 -1.65 2.94
C LEU B 172 9.04 -1.91 3.82
N GLN B 173 10.22 -1.91 3.22
CA GLN B 173 11.46 -2.19 3.97
C GLN B 173 11.81 -1.11 5.00
N HIS B 174 11.84 0.18 4.60
CA HIS B 174 12.25 1.26 5.53
C HIS B 174 11.10 1.82 6.35
N GLY B 175 10.05 2.30 5.70
CA GLY B 175 8.94 2.92 6.39
C GLY B 175 8.17 2.03 7.33
N THR B 176 8.14 0.75 7.04
CA THR B 176 7.40 -0.20 7.87
C THR B 176 8.32 -1.12 8.71
N LEU B 177 9.02 -2.01 8.03
CA LEU B 177 9.79 -3.02 8.69
C LEU B 177 10.97 -2.46 9.52
N HIS B 178 11.82 -1.68 8.91
CA HIS B 178 12.95 -1.06 9.64
C HIS B 178 12.40 -0.18 10.76
N PHE B 179 11.33 0.58 10.50
CA PHE B 179 10.72 1.44 11.51
C PHE B 179 10.35 0.66 12.79
N CYS B 180 9.86 -0.56 12.61
CA CYS B 180 9.43 -1.42 13.70
C CYS B 180 10.62 -2.13 14.38
N GLY B 181 11.82 -1.97 13.82
CA GLY B 181 13.02 -2.57 14.38
C GLY B 181 13.48 -3.87 13.74
N PHE B 182 12.77 -4.36 12.71
CA PHE B 182 13.20 -5.59 12.05
C PHE B 182 14.53 -5.42 11.36
N LYS B 183 15.29 -6.52 11.31
CA LYS B 183 16.51 -6.64 10.53
C LYS B 183 15.94 -7.13 9.21
N VAL B 184 16.11 -6.33 8.16
CA VAL B 184 15.53 -6.64 6.87
C VAL B 184 16.49 -7.50 6.06
N LEU B 185 16.09 -8.72 5.73
CA LEU B 185 16.86 -9.58 4.84
C LEU B 185 16.62 -9.15 3.41
N ALA B 186 17.56 -9.45 2.51
CA ALA B 186 17.47 -9.10 1.09
C ALA B 186 16.17 -9.63 0.52
N PRO B 187 15.44 -8.82 -0.27
CA PRO B 187 14.14 -9.30 -0.77
C PRO B 187 14.31 -10.47 -1.74
N GLN B 188 13.30 -11.33 -1.83
CA GLN B 188 13.31 -12.37 -2.84
C GLN B 188 12.34 -11.85 -3.92
N ILE B 189 12.83 -11.50 -5.12
CA ILE B 189 11.93 -11.01 -6.15
C ILE B 189 11.87 -12.03 -7.28
N SER B 190 10.71 -12.58 -7.55
CA SER B 190 10.53 -13.50 -8.64
C SER B 190 9.77 -12.75 -9.74
N PHE B 191 10.49 -12.37 -10.79
CA PHE B 191 9.95 -11.55 -11.87
C PHE B 191 9.08 -12.31 -12.89
N ALA B 192 7.93 -11.74 -13.22
CA ALA B 192 7.07 -12.24 -14.29
C ALA B 192 6.93 -13.76 -14.42
N PRO B 193 6.55 -14.40 -13.23
CA PRO B 193 6.32 -15.85 -13.39
C PRO B 193 5.26 -16.27 -14.42
N GLU B 194 4.23 -15.45 -14.64
CA GLU B 194 3.10 -15.77 -15.49
C GLU B 194 3.45 -15.97 -16.95
N ILE B 195 4.45 -15.25 -17.43
CA ILE B 195 4.91 -15.35 -18.82
C ILE B 195 6.21 -16.17 -18.93
N ALA B 196 6.71 -16.70 -17.79
CA ALA B 196 7.90 -17.55 -17.77
C ALA B 196 7.54 -18.95 -18.21
N SER B 197 8.51 -19.70 -18.75
CA SER B 197 8.28 -21.09 -19.12
C SER B 197 8.16 -21.96 -17.83
N GLU B 198 7.70 -23.22 -17.98
CA GLU B 198 7.56 -24.18 -16.87
C GLU B 198 8.92 -24.38 -16.20
N GLU B 199 10.01 -24.49 -17.00
CA GLU B 199 11.40 -24.65 -16.56
C GLU B 199 11.89 -23.42 -15.77
N GLU B 200 11.53 -22.20 -16.23
CA GLU B 200 11.91 -20.95 -15.57
C GLU B 200 11.19 -20.81 -14.21
N ARG B 201 9.88 -21.20 -14.17
CA ARG B 201 9.07 -21.18 -12.95
C ARG B 201 9.67 -22.15 -11.92
N LYS B 202 10.12 -23.35 -12.38
CA LYS B 202 10.76 -24.37 -11.53
C LYS B 202 12.09 -23.81 -11.00
N GLY B 203 12.84 -23.11 -11.85
CA GLY B 203 14.11 -22.47 -11.48
C GLY B 203 13.95 -21.42 -10.39
N MET B 204 12.89 -20.59 -10.50
CA MET B 204 12.57 -19.55 -9.53
C MET B 204 12.16 -20.17 -8.15
N VAL B 205 11.38 -21.25 -8.18
CA VAL B 205 10.96 -21.96 -6.95
C VAL B 205 12.19 -22.63 -6.30
N ALA B 206 13.05 -23.27 -7.13
CA ALA B 206 14.29 -23.92 -6.67
C ALA B 206 15.25 -22.89 -6.05
N ALA B 207 15.38 -21.69 -6.67
CA ALA B 207 16.22 -20.59 -6.15
C ALA B 207 15.76 -20.18 -4.71
N TRP B 208 14.43 -20.09 -4.50
CA TRP B 208 13.84 -19.75 -3.21
C TRP B 208 14.07 -20.87 -2.16
N SER B 209 13.80 -22.13 -2.53
CA SER B 209 14.02 -23.29 -1.65
C SER B 209 15.52 -23.34 -1.22
N GLN B 210 16.44 -23.16 -2.19
CA GLN B 210 17.90 -23.15 -1.96
C GLN B 210 18.32 -21.98 -1.08
N ARG B 211 17.72 -20.79 -1.28
CA ARG B 211 18.03 -19.66 -0.42
C ARG B 211 17.59 -19.95 1.04
N LEU B 212 16.40 -20.53 1.23
CA LEU B 212 15.89 -20.86 2.57
C LEU B 212 16.78 -21.84 3.35
N GLN B 213 17.55 -22.67 2.64
CA GLN B 213 18.45 -23.64 3.27
C GLN B 213 19.52 -22.95 4.14
N THR B 214 19.97 -21.73 3.73
CA THR B 214 21.00 -20.97 4.45
C THR B 214 20.48 -19.64 4.96
N ILE B 215 19.17 -19.54 5.21
CA ILE B 215 18.51 -18.29 5.62
C ILE B 215 19.05 -17.76 6.94
N TRP B 216 19.40 -18.66 7.86
CA TRP B 216 19.90 -18.34 9.18
C TRP B 216 21.37 -17.90 9.18
N LYS B 217 22.04 -17.95 8.00
CA LYS B 217 23.44 -17.52 7.85
C LYS B 217 23.53 -16.10 7.28
N GLU B 218 22.44 -15.59 6.74
CA GLU B 218 22.41 -14.28 6.10
C GLU B 218 22.56 -13.11 7.04
N GLU B 219 23.17 -12.04 6.56
CA GLU B 219 23.13 -10.76 7.27
C GLU B 219 22.00 -9.89 6.65
N PRO B 220 21.39 -9.00 7.42
CA PRO B 220 20.37 -8.14 6.82
C PRO B 220 21.02 -7.10 5.91
N ILE B 221 20.21 -6.45 5.07
CA ILE B 221 20.69 -5.38 4.20
C ILE B 221 20.90 -4.13 5.05
N PRO B 222 21.76 -3.17 4.62
CA PRO B 222 21.79 -1.88 5.33
C PRO B 222 20.53 -1.14 4.83
N CYS B 223 19.48 -1.07 5.64
CA CYS B 223 18.22 -0.50 5.16
C CYS B 223 18.24 1.04 5.18
N THR B 224 18.92 1.61 4.19
CA THR B 224 19.15 3.05 4.09
C THR B 224 18.67 3.60 2.76
N ALA B 225 18.62 4.93 2.64
CA ALA B 225 18.29 5.60 1.37
C ALA B 225 19.34 5.22 0.29
N HIS B 226 20.62 5.13 0.68
CA HIS B 226 21.70 4.78 -0.26
C HIS B 226 21.52 3.38 -0.84
N TRP B 227 21.16 2.38 -0.02
CA TRP B 227 20.90 1.04 -0.53
C TRP B 227 19.75 1.06 -1.55
N HIS B 228 18.66 1.79 -1.25
CA HIS B 228 17.48 1.80 -2.12
C HIS B 228 17.64 2.62 -3.38
N PHE B 229 18.32 3.79 -3.28
CA PHE B 229 18.37 4.77 -4.38
C PHE B 229 19.76 5.16 -4.91
N GLY B 230 20.80 4.88 -4.12
CA GLY B 230 22.18 5.22 -4.47
C GLY B 230 22.71 4.53 -5.71
N GLN B 231 23.56 5.22 -6.49
CA GLN B 231 24.00 6.60 -6.25
C GLN B 231 25.31 6.73 -5.50
N1 FMN C . 2.99 8.94 9.80
C2 FMN C . 4.13 9.04 9.03
O2 FMN C . 4.79 10.09 8.99
N3 FMN C . 4.57 7.95 8.31
C4 FMN C . 3.97 6.69 8.29
O4 FMN C . 4.45 5.80 7.58
C4A FMN C . 2.81 6.57 9.15
N5 FMN C . 2.23 5.39 9.25
C5A FMN C . 1.09 5.30 10.03
C6 FMN C . 0.42 4.07 10.10
C7 FMN C . -0.80 3.94 10.76
C7M FMN C . -1.52 2.62 10.74
C8 FMN C . -1.34 5.06 11.43
C8M FMN C . -2.61 4.96 12.23
C9 FMN C . -0.67 6.27 11.37
C9A FMN C . 0.55 6.41 10.70
N10 FMN C . 1.24 7.65 10.60
C10 FMN C . 2.37 7.76 9.84
C1' FMN C . 0.67 8.84 11.26
C2' FMN C . -0.44 9.48 10.42
O2' FMN C . 0.04 9.76 9.10
C3' FMN C . -0.93 10.75 11.13
O3' FMN C . -1.51 10.35 12.36
C4' FMN C . -1.95 11.55 10.31
O4' FMN C . -1.35 11.94 9.08
C5' FMN C . -2.51 12.77 11.03
O5' FMN C . -3.62 13.28 10.25
P FMN C . -5.11 13.35 10.91
O1P FMN C . -6.14 13.88 10.03
O2P FMN C . -5.39 11.93 11.37
O3P FMN C . -4.99 14.20 12.19
HN3 FMN C . 5.41 8.07 7.74
H6 FMN C . 0.87 3.20 9.62
HM71 FMN C . -1.52 2.16 11.73
HM72 FMN C . -1.04 1.91 10.06
HM73 FMN C . -2.56 2.70 10.43
HM81 FMN C . -2.93 5.94 12.60
HM82 FMN C . -2.47 4.32 13.10
HM83 FMN C . -3.44 4.54 11.67
H9 FMN C . -1.15 7.12 11.86
H1'1 FMN C . 0.32 8.57 12.25
H1'2 FMN C . 1.45 9.56 11.50
H2' FMN C . -1.25 8.80 10.24
HO2' FMN C . -0.73 9.88 8.49
H3' FMN C . -0.10 11.38 11.44
HO3' FMN C . -0.84 10.49 13.09
H4' FMN C . -2.77 10.90 10.00
HO4' FMN C . -2.09 12.10 8.43
H5'1 FMN C . -2.87 12.55 12.03
H5'2 FMN C . -1.76 13.55 11.14
C1 STL D . 2.80 -1.37 -13.04
C2 STL D . 3.84 -2.02 -13.67
C3 STL D . 3.64 -3.31 -14.15
C4 STL D . 2.41 -3.93 -14.02
C5 STL D . 1.34 -3.27 -13.40
C6 STL D . 1.56 -1.98 -12.89
C7 STL D . 0.08 -4.03 -13.34
C8 STL D . -1.05 -3.68 -12.83
C9 STL D . -2.31 -4.43 -12.76
C10 STL D . -2.57 -5.72 -13.23
C11 STL D . -3.83 -6.29 -13.11
C12 STL D . -4.85 -5.57 -12.48
C13 STL D . -4.61 -4.29 -12.03
C14 STL D . -3.35 -3.74 -12.15
O1 STL D . -6.07 -6.13 -12.22
O2 STL D . 4.58 -3.99 -14.85
O3 STL D . 3.04 -0.08 -12.61
H2 STL D . 4.80 -1.51 -13.77
H4 STL D . 2.27 -4.94 -14.39
H6 STL D . 0.75 -1.46 -12.38
H7 STL D . 0.14 -5.02 -13.80
H8 STL D . -1.10 -2.69 -12.38
H10 STL D . -1.79 -6.33 -13.67
H11 STL D . -4.01 -7.29 -13.47
H13 STL D . -5.39 -3.69 -11.56
H14 STL D . -3.15 -2.76 -11.70
HO1 STL D . -6.38 -5.85 -11.32
HO2 STL D . 5.37 -3.41 -14.99
HO3 STL D . 2.85 -0.02 -11.64
ZN ZN E . 6.02 8.43 -13.45
N1 FMN F . 2.77 -6.32 -11.48
C2 FMN F . 3.81 -5.46 -11.43
O2 FMN F . 4.88 -5.71 -11.97
N3 FMN F . 3.66 -4.25 -10.79
C4 FMN F . 2.50 -3.77 -10.21
O4 FMN F . 2.50 -2.69 -9.64
C4A FMN F . 1.37 -4.66 -10.32
N5 FMN F . 0.22 -4.28 -9.86
C5A FMN F . -0.83 -5.17 -9.91
C6 FMN F . -2.06 -4.78 -9.37
C7 FMN F . -3.13 -5.67 -9.30
C7M FMN F . -4.43 -5.23 -8.67
C8 FMN F . -2.98 -6.97 -9.83
C8M FMN F . -4.09 -7.98 -9.77
C9 FMN F . -1.77 -7.34 -10.39
C9A FMN F . -0.70 -6.45 -10.46
N10 FMN F . 0.56 -6.82 -11.00
C10 FMN F . 1.61 -5.94 -10.96
C1' FMN F . 0.80 -8.18 -11.52
C2' FMN F . 1.02 -9.18 -10.40
O2' FMN F . 2.08 -8.76 -9.54
C3' FMN F . 1.32 -10.56 -10.99
O3' FMN F . 0.18 -10.96 -11.74
C4' FMN F . 1.68 -11.63 -9.95
O4' FMN F . 2.87 -11.27 -9.24
C5' FMN F . 1.89 -13.00 -10.54
O5' FMN F . 2.07 -13.93 -9.43
P FMN F . 0.98 -15.15 -9.37
O1P FMN F . 1.04 -15.91 -10.67
O2P FMN F . 1.26 -16.01 -8.15
O3P FMN F . -0.38 -14.43 -9.17
HN3 FMN F . 4.47 -3.64 -10.73
H6 FMN F . -2.18 -3.76 -9.00
HM71 FMN F . -4.43 -4.14 -8.50
HM72 FMN F . -4.61 -5.72 -7.71
HM73 FMN F . -5.30 -5.43 -9.30
HM81 FMN F . -4.56 -7.98 -8.79
HM82 FMN F . -3.71 -8.99 -9.93
HM83 FMN F . -4.87 -7.81 -10.51
H9 FMN F . -1.69 -8.35 -10.79
H1'1 FMN F . -0.05 -8.47 -12.15
H1'2 FMN F . 1.60 -8.20 -12.25
H2' FMN F . 0.19 -9.22 -9.70
HO2' FMN F . 2.80 -8.32 -10.05
H3' FMN F . 2.08 -10.51 -11.75
HO3' FMN F . -0.64 -10.85 -11.17
H4' FMN F . 0.93 -11.67 -9.16
HO4' FMN F . 2.72 -10.43 -8.75
H5'1 FMN F . 1.06 -13.33 -11.16
H5'2 FMN F . 2.79 -13.03 -11.18
C1 STL G . 6.86 7.92 10.99
C2 STL G . 7.66 7.19 10.13
C3 STL G . 7.30 5.88 9.81
C4 STL G . 6.16 5.32 10.34
C5 STL G . 5.35 6.04 11.23
C6 STL G . 5.71 7.36 11.54
C7 STL G . 4.22 5.33 11.83
C8 STL G . 3.29 5.74 12.67
C9 STL G . 2.20 4.93 13.22
C10 STL G . 1.29 5.53 14.10
C11 STL G . 0.22 4.83 14.61
C12 STL G . 0.04 3.49 14.28
C13 STL G . 0.95 2.86 13.44
C14 STL G . 2.01 3.58 12.91
O1 STL G . -1.07 2.83 14.72
O2 STL G . 8.07 5.07 9.03
O3 STL G . 7.21 9.21 11.30
H2 STL G . 8.54 7.66 9.70
H4 STL G . 5.89 4.30 10.05
H6 STL G . 5.08 7.93 12.21
H7 STL G . 4.19 4.29 11.50
H8 STL G . 3.29 6.78 13.01
H10 STL G . 1.41 6.57 14.38
H11 STL G . -0.50 5.32 15.26
H13 STL G . 0.86 1.81 13.20
H14 STL G . 2.67 3.08 12.20
HO1 STL G . -0.99 2.69 15.70
HO2 STL G . 8.91 5.54 8.79
HO3 STL G . 8.21 9.27 11.36
ZN ZN H . 15.71 1.35 6.55
#